data_6Z9B
#
_entry.id   6Z9B
#
_cell.length_a   53.240
_cell.length_b   96.450
_cell.length_c   235.170
_cell.angle_alpha   90.000
_cell.angle_beta   90.000
_cell.angle_gamma   90.000
#
_symmetry.space_group_name_H-M   'C 2 2 21'
#
loop_
_entity.id
_entity.type
_entity.pdbx_description
1 polymer "5'-nucleotidase"
2 non-polymer 'ZINC ION'
3 non-polymer 'CALCIUM ION'
4 non-polymer '[[(2~{R},3~{R},4~{S},5~{R})-5-[2-chloranyl-6-[(phenylmethyl)amino]purin-9-yl]-4-fluoranyl-3-oxidanyl-oxolan-2-yl]methoxy-oxidanyl-phosphoryl]methylphosphonic acid'
5 water water
#
_entity_poly.entity_id   1
_entity_poly.type   'polypeptide(L)'
_entity_poly.pdbx_seq_one_letter_code
;MWELTILHTNDVHSRLEQTSEDSSKCVDASRCMGGVARLFTKVQQIRRAEPNVLLLDAGDQYQGTIWFTVYKGAEVAHFM
NALRYDAMALGNHEFDNGVEGLIEPLLKEAKFPILSANIKAKGPLASQISGLYLPYKVLPVGDEVVGIVGYTSKETPFLS
NPGTNLVFEDEITALQPEVDKLKTLNVNKIIALGHSGFEMDKLIAQKVRGVDVVVGGHSNTFLYTGNPPSKEVPAGKYPF
IVTSDDGRKVPVVQAYAFGKYLGYLKIEFDERGNVISSHGNPILLDSSIPEDPSIKADINKWRIKLDDYSTQELGKTIVY
LDGSSQSCRFRECNMGNLICDAMINNNLRHADEMFWNHVSMCILNGGGIRSPIDERNDGTITWENLAAVLPFGGTFDLVQ
LKGSTLKKAFEHSVHRYGQSTGEFLQVGGIHVVYDLSRKPGDRVVKLDVLCTKCRVPSYDPLKMDEVYKVILPNFLANGG
DGFQMIKDELLRHDSGDQDINVVSTYISKMKVIYPAVEGRIKFSLEHHHHHH
;
_entity_poly.pdbx_strand_id   A
#
loop_
_chem_comp.id
_chem_comp.type
_chem_comp.name
_chem_comp.formula
CA non-polymer 'CALCIUM ION' 'Ca 2'
QCQ non-polymer '[[(2~{R},3~{R},4~{S},5~{R})-5-[2-chloranyl-6-[(phenylmethyl)amino]purin-9-yl]-4-fluoranyl-3-oxidanyl-oxolan-2-yl]methoxy-oxidanyl-phosphoryl]methylphosphonic acid' 'C18 H21 Cl F N5 O8 P2'
ZN non-polymer 'ZINC ION' 'Zn 2'
#
# COMPACT_ATOMS: atom_id res chain seq x y z
N MET A 1 -26.23 20.43 20.11
CA MET A 1 -25.49 19.63 19.13
C MET A 1 -23.98 19.67 19.39
N TRP A 2 -23.30 18.52 19.17
CA TRP A 2 -21.89 18.32 19.50
C TRP A 2 -21.10 17.96 18.24
N GLU A 3 -20.06 18.76 17.94
CA GLU A 3 -19.26 18.58 16.73
C GLU A 3 -17.94 17.89 16.97
N LEU A 4 -17.73 16.74 16.30
CA LEU A 4 -16.49 15.98 16.37
C LEU A 4 -15.66 16.23 15.13
N THR A 5 -14.35 16.38 15.30
CA THR A 5 -13.41 16.57 14.18
C THR A 5 -12.54 15.34 14.07
N ILE A 6 -12.65 14.62 12.94
CA ILE A 6 -11.85 13.42 12.71
C ILE A 6 -10.73 13.75 11.75
N LEU A 7 -9.50 13.54 12.21
CA LEU A 7 -8.28 13.69 11.45
C LEU A 7 -7.78 12.26 11.22
N HIS A 8 -7.62 11.86 9.96
CA HIS A 8 -7.24 10.51 9.64
C HIS A 8 -6.13 10.37 8.60
N THR A 9 -5.29 9.36 8.81
CA THR A 9 -4.21 8.98 7.88
C THR A 9 -4.35 7.50 7.57
N ASN A 10 -3.89 7.07 6.39
CA ASN A 10 -3.89 5.65 5.99
C ASN A 10 -2.79 5.41 4.95
N ASP A 11 -2.24 4.18 4.93
CA ASP A 11 -1.22 3.77 3.97
C ASP A 11 -0.07 4.77 3.86
N VAL A 12 0.40 5.26 5.02
CA VAL A 12 1.50 6.22 5.18
C VAL A 12 2.77 5.57 4.63
N HIS A 13 2.99 4.28 4.95
CA HIS A 13 4.06 3.43 4.44
C HIS A 13 5.50 4.00 4.64
N SER A 14 5.91 4.17 5.93
CA SER A 14 7.24 4.59 6.37
C SER A 14 7.70 5.93 5.79
N ARG A 15 6.75 6.78 5.40
CA ARG A 15 7.01 8.10 4.83
C ARG A 15 7.11 9.09 5.98
N LEU A 16 8.07 8.84 6.89
CA LEU A 16 8.28 9.62 8.11
C LEU A 16 8.84 10.99 7.83
N GLU A 17 9.68 11.08 6.83
CA GLU A 17 10.25 12.37 6.44
C GLU A 17 9.36 12.94 5.34
N GLN A 18 9.47 14.25 5.09
CA GLN A 18 8.76 14.89 4.00
C GLN A 18 9.30 14.29 2.67
N THR A 19 8.45 14.20 1.65
CA THR A 19 8.80 13.57 0.36
C THR A 19 8.61 14.54 -0.81
N SER A 20 8.98 14.11 -2.03
CA SER A 20 8.75 14.86 -3.26
C SER A 20 7.20 14.71 -3.53
N GLU A 21 6.64 15.39 -4.56
CA GLU A 21 5.19 15.28 -4.79
C GLU A 21 4.75 13.85 -5.18
N ASP A 22 5.70 13.04 -5.76
CA ASP A 22 5.47 11.66 -6.19
C ASP A 22 5.70 10.65 -5.05
N SER A 23 5.93 11.17 -3.82
CA SER A 23 6.13 10.47 -2.54
C SER A 23 7.50 9.75 -2.43
N SER A 24 8.44 10.04 -3.37
CA SER A 24 9.83 9.53 -3.35
C SER A 24 10.69 10.53 -2.52
N LYS A 25 11.97 10.18 -2.24
CA LYS A 25 12.90 10.97 -1.43
C LYS A 25 12.91 12.49 -1.76
N CYS A 26 12.78 13.30 -0.71
CA CYS A 26 12.82 14.75 -0.85
C CYS A 26 14.21 15.20 -1.28
N VAL A 27 14.25 16.02 -2.33
CA VAL A 27 15.51 16.58 -2.81
C VAL A 27 15.36 18.08 -2.74
N ASP A 28 14.48 18.66 -3.59
CA ASP A 28 14.19 20.09 -3.60
C ASP A 28 13.24 20.34 -2.43
N ALA A 29 13.84 20.56 -1.23
CA ALA A 29 13.19 20.78 0.06
C ALA A 29 12.10 21.86 0.07
N SER A 30 12.20 22.84 -0.83
CA SER A 30 11.26 23.97 -0.94
C SER A 30 9.86 23.57 -1.42
N ARG A 31 9.75 22.49 -2.21
CA ARG A 31 8.51 21.99 -2.80
C ARG A 31 8.16 20.58 -2.30
N CYS A 32 8.69 20.20 -1.14
CA CYS A 32 8.42 18.90 -0.57
C CYS A 32 7.11 18.89 0.23
N MET A 33 6.56 17.69 0.49
CA MET A 33 5.25 17.47 1.14
C MET A 33 5.28 16.41 2.19
N GLY A 34 4.22 16.34 2.98
CA GLY A 34 4.01 15.34 4.01
C GLY A 34 5.06 15.27 5.09
N GLY A 35 5.22 14.07 5.64
CA GLY A 35 6.13 13.81 6.75
C GLY A 35 5.47 14.12 8.09
N VAL A 36 5.94 13.47 9.16
CA VAL A 36 5.37 13.56 10.50
C VAL A 36 5.53 14.94 11.13
N ALA A 37 6.66 15.65 10.83
CA ALA A 37 6.91 17.00 11.35
C ALA A 37 5.87 18.01 10.85
N ARG A 38 5.51 17.92 9.54
CA ARG A 38 4.52 18.80 8.92
C ARG A 38 3.12 18.45 9.42
N LEU A 39 2.80 17.14 9.45
CA LEU A 39 1.54 16.61 9.95
C LEU A 39 1.30 17.06 11.39
N PHE A 40 2.38 17.13 12.22
CA PHE A 40 2.30 17.59 13.62
C PHE A 40 1.90 19.06 13.71
N THR A 41 2.40 19.94 12.80
CA THR A 41 2.02 21.37 12.78
C THR A 41 0.50 21.52 12.51
N LYS A 42 -0.03 20.83 11.47
CA LYS A 42 -1.43 20.88 11.09
C LYS A 42 -2.35 20.34 12.17
N VAL A 43 -2.00 19.18 12.77
CA VAL A 43 -2.79 18.56 13.83
C VAL A 43 -2.90 19.46 15.05
N GLN A 44 -1.76 20.09 15.46
CA GLN A 44 -1.64 21.02 16.58
CA GLN A 44 -1.72 20.99 16.60
C GLN A 44 -2.57 22.23 16.34
N GLN A 45 -2.53 22.78 15.10
CA GLN A 45 -3.33 23.91 14.66
C GLN A 45 -4.82 23.56 14.82
N ILE A 46 -5.23 22.35 14.41
CA ILE A 46 -6.63 21.89 14.54
C ILE A 46 -7.00 21.69 16.03
N ARG A 47 -6.07 21.14 16.86
CA ARG A 47 -6.32 20.93 18.29
C ARG A 47 -6.52 22.25 19.04
N ARG A 48 -5.77 23.31 18.66
CA ARG A 48 -5.90 24.66 19.22
C ARG A 48 -7.26 25.28 18.85
N ALA A 49 -7.79 24.94 17.65
CA ALA A 49 -9.01 25.52 17.08
C ALA A 49 -10.32 24.77 17.39
N GLU A 50 -10.28 23.44 17.48
CA GLU A 50 -11.47 22.61 17.63
C GLU A 50 -11.58 21.96 18.99
N PRO A 51 -12.77 21.95 19.60
CA PRO A 51 -12.89 21.37 20.94
C PRO A 51 -12.74 19.85 21.01
N ASN A 52 -13.40 19.10 20.09
CA ASN A 52 -13.44 17.63 20.09
C ASN A 52 -12.72 16.97 18.94
N VAL A 53 -11.44 16.60 19.15
CA VAL A 53 -10.55 16.05 18.11
C VAL A 53 -10.09 14.60 18.33
N LEU A 54 -10.24 13.78 17.28
CA LEU A 54 -9.72 12.43 17.15
C LEU A 54 -8.73 12.34 15.99
N LEU A 55 -7.51 11.85 16.27
CA LEU A 55 -6.44 11.60 15.29
C LEU A 55 -6.36 10.09 15.20
N LEU A 56 -6.76 9.53 14.02
CA LEU A 56 -6.86 8.10 13.75
C LEU A 56 -5.99 7.64 12.56
N ASP A 57 -5.57 6.36 12.57
CA ASP A 57 -4.82 5.71 11.46
C ASP A 57 -5.56 4.44 11.07
N ALA A 58 -5.87 4.33 9.79
CA ALA A 58 -6.59 3.20 9.24
C ALA A 58 -5.69 2.09 8.65
N GLY A 59 -4.45 2.00 9.11
CA GLY A 59 -3.56 0.91 8.73
C GLY A 59 -2.46 1.19 7.74
N ASP A 60 -1.57 0.22 7.58
CA ASP A 60 -0.42 0.20 6.67
C ASP A 60 0.58 1.37 6.91
N GLN A 61 1.06 1.48 8.16
CA GLN A 61 2.10 2.40 8.57
C GLN A 61 3.45 1.68 8.23
N TYR A 62 3.44 0.34 8.38
CA TYR A 62 4.54 -0.57 8.12
C TYR A 62 4.80 -0.70 6.63
N GLN A 63 6.11 -0.82 6.28
CA GLN A 63 6.67 -1.12 4.95
C GLN A 63 6.69 0.03 3.93
N GLY A 64 7.84 0.32 3.35
CA GLY A 64 7.88 1.34 2.30
C GLY A 64 9.15 2.12 2.11
N THR A 65 9.89 2.38 3.23
CA THR A 65 11.16 3.11 3.18
C THR A 65 12.21 2.47 4.08
N ILE A 66 13.47 2.94 3.95
CA ILE A 66 14.61 2.51 4.75
C ILE A 66 14.36 2.74 6.26
N TRP A 67 13.35 3.58 6.63
CA TRP A 67 12.98 3.82 8.04
C TRP A 67 12.51 2.52 8.64
N PHE A 68 11.70 1.75 7.89
CA PHE A 68 11.15 0.48 8.32
C PHE A 68 12.14 -0.66 8.17
N THR A 69 13.02 -0.59 7.16
CA THR A 69 14.05 -1.60 6.95
C THR A 69 14.97 -1.64 8.17
N VAL A 70 15.39 -0.45 8.63
CA VAL A 70 16.30 -0.26 9.76
C VAL A 70 15.60 -0.38 11.14
N TYR A 71 14.50 0.37 11.37
CA TYR A 71 13.86 0.41 12.68
C TYR A 71 12.77 -0.63 12.92
N LYS A 72 12.30 -1.34 11.87
CA LYS A 72 11.35 -2.45 11.93
C LYS A 72 10.03 -2.17 12.73
N GLY A 73 9.62 -0.91 12.80
CA GLY A 73 8.39 -0.51 13.47
C GLY A 73 8.59 0.34 14.69
N ALA A 74 9.84 0.45 15.19
CA ALA A 74 10.15 1.28 16.37
C ALA A 74 9.95 2.78 16.08
N GLU A 75 10.17 3.19 14.80
CA GLU A 75 9.98 4.55 14.29
C GLU A 75 8.48 4.90 14.23
N VAL A 76 7.62 3.89 13.90
CA VAL A 76 6.16 4.01 13.83
C VAL A 76 5.62 4.26 15.24
N ALA A 77 5.88 3.35 16.19
CA ALA A 77 5.43 3.49 17.58
C ALA A 77 5.92 4.82 18.21
N HIS A 78 7.17 5.27 17.92
CA HIS A 78 7.75 6.49 18.48
C HIS A 78 7.09 7.77 17.99
N PHE A 79 6.96 7.93 16.66
CA PHE A 79 6.43 9.12 16.01
C PHE A 79 4.90 9.17 16.04
N MET A 80 4.20 8.01 16.07
CA MET A 80 2.73 7.97 16.22
C MET A 80 2.35 8.37 17.66
N ASN A 81 3.20 8.00 18.65
CA ASN A 81 3.02 8.43 20.05
C ASN A 81 3.28 9.95 20.12
N ALA A 82 4.35 10.42 19.44
CA ALA A 82 4.76 11.84 19.39
C ALA A 82 3.66 12.78 18.85
N LEU A 83 2.88 12.30 17.86
CA LEU A 83 1.81 13.05 17.20
C LEU A 83 0.52 12.99 18.00
N ARG A 84 0.47 12.07 18.98
CA ARG A 84 -0.63 11.76 19.89
C ARG A 84 -1.84 11.17 19.17
N TYR A 85 -1.63 10.10 18.40
CA TYR A 85 -2.72 9.36 17.76
C TYR A 85 -3.58 8.78 18.87
N ASP A 86 -4.88 8.83 18.69
CA ASP A 86 -5.85 8.34 19.68
C ASP A 86 -6.16 6.88 19.42
N ALA A 87 -6.03 6.43 18.16
CA ALA A 87 -6.25 5.03 17.78
C ALA A 87 -5.68 4.68 16.40
N MET A 88 -5.46 3.39 16.20
CA MET A 88 -4.99 2.84 14.95
C MET A 88 -5.69 1.51 14.71
N ALA A 89 -6.04 1.22 13.46
CA ALA A 89 -6.58 -0.07 13.06
C ALA A 89 -5.44 -0.84 12.39
N LEU A 90 -5.34 -2.17 12.62
CA LEU A 90 -4.29 -3.01 12.01
C LEU A 90 -4.54 -3.16 10.52
N GLY A 91 -3.48 -2.98 9.73
CA GLY A 91 -3.48 -3.20 8.29
C GLY A 91 -2.71 -4.47 7.94
N ASN A 92 -2.80 -4.94 6.69
CA ASN A 92 -2.10 -6.16 6.27
C ASN A 92 -0.58 -6.09 6.35
N HIS A 93 0.03 -4.91 6.03
CA HIS A 93 1.49 -4.75 6.05
C HIS A 93 2.09 -4.77 7.49
N GLU A 94 1.27 -4.57 8.53
CA GLU A 94 1.67 -4.70 9.94
C GLU A 94 2.06 -6.14 10.31
N PHE A 95 1.72 -7.12 9.44
CA PHE A 95 2.01 -8.53 9.61
C PHE A 95 3.18 -9.03 8.75
N ASP A 96 3.81 -8.13 7.93
CA ASP A 96 4.90 -8.49 6.98
C ASP A 96 6.13 -9.13 7.63
N ASN A 97 6.36 -8.82 8.91
CA ASN A 97 7.48 -9.36 9.69
C ASN A 97 6.95 -10.38 10.72
N GLY A 98 5.88 -11.08 10.35
CA GLY A 98 5.18 -12.05 11.21
C GLY A 98 4.48 -11.37 12.36
N VAL A 99 3.86 -12.15 13.28
CA VAL A 99 3.21 -11.66 14.51
C VAL A 99 4.26 -11.03 15.43
N GLU A 100 5.48 -11.63 15.46
CA GLU A 100 6.62 -11.18 16.26
C GLU A 100 7.10 -9.78 15.87
N GLY A 101 7.09 -9.48 14.57
CA GLY A 101 7.45 -8.17 14.02
C GLY A 101 6.44 -7.09 14.34
N LEU A 102 5.22 -7.51 14.72
CA LEU A 102 4.12 -6.63 15.10
C LEU A 102 4.09 -6.40 16.62
N ILE A 103 4.15 -7.49 17.43
CA ILE A 103 4.08 -7.51 18.90
C ILE A 103 5.21 -6.69 19.55
N GLU A 104 6.50 -7.06 19.30
CA GLU A 104 7.65 -6.44 19.96
C GLU A 104 7.83 -4.94 19.62
N PRO A 105 7.98 -4.49 18.34
CA PRO A 105 8.13 -3.05 18.11
C PRO A 105 6.86 -2.19 18.29
N LEU A 106 5.69 -2.64 17.80
CA LEU A 106 4.51 -1.77 17.81
C LEU A 106 3.51 -1.98 18.95
N LEU A 107 2.88 -3.17 19.07
CA LEU A 107 1.84 -3.42 20.07
C LEU A 107 2.32 -3.12 21.47
N LYS A 108 3.56 -3.51 21.78
CA LYS A 108 4.17 -3.31 23.09
C LYS A 108 4.62 -1.86 23.38
N GLU A 109 4.83 -1.02 22.34
CA GLU A 109 5.36 0.34 22.54
C GLU A 109 4.41 1.49 22.24
N ALA A 110 3.26 1.21 21.61
CA ALA A 110 2.29 2.27 21.31
C ALA A 110 1.60 2.68 22.60
N LYS A 111 1.43 3.99 22.81
CA LYS A 111 0.73 4.53 23.97
C LYS A 111 -0.78 4.71 23.63
N PHE A 112 -1.21 4.21 22.45
CA PHE A 112 -2.60 4.32 21.98
C PHE A 112 -3.20 2.94 21.67
N PRO A 113 -4.54 2.75 21.75
CA PRO A 113 -5.10 1.43 21.42
C PRO A 113 -5.02 1.11 19.93
N ILE A 114 -4.63 -0.14 19.64
CA ILE A 114 -4.44 -0.70 18.30
C ILE A 114 -5.56 -1.69 18.16
N LEU A 115 -6.39 -1.51 17.11
CA LEU A 115 -7.65 -2.24 16.97
C LEU A 115 -7.82 -3.11 15.75
N SER A 116 -8.62 -4.17 15.94
CA SER A 116 -9.12 -5.12 14.94
C SER A 116 -10.06 -6.10 15.59
N ALA A 117 -11.36 -6.04 15.21
CA ALA A 117 -12.43 -6.90 15.74
C ALA A 117 -12.55 -8.25 15.03
N ASN A 118 -12.13 -8.32 13.75
CA ASN A 118 -12.23 -9.54 12.96
C ASN A 118 -10.97 -10.39 13.01
N ILE A 119 -10.00 -10.09 13.89
CA ILE A 119 -8.79 -10.92 14.03
C ILE A 119 -8.86 -11.71 15.34
N LYS A 120 -8.99 -13.04 15.25
CA LYS A 120 -9.05 -13.88 16.46
C LYS A 120 -7.77 -14.71 16.62
N ALA A 121 -7.17 -14.63 17.79
CA ALA A 121 -5.95 -15.35 18.11
C ALA A 121 -6.30 -16.74 18.68
N LYS A 122 -5.56 -17.77 18.25
CA LYS A 122 -5.80 -19.17 18.66
C LYS A 122 -4.51 -19.93 18.99
N GLY A 123 -4.66 -21.07 19.65
CA GLY A 123 -3.59 -21.98 20.07
C GLY A 123 -2.57 -21.37 21.00
N PRO A 124 -1.25 -21.57 20.70
CA PRO A 124 -0.19 -21.04 21.57
C PRO A 124 -0.13 -19.51 21.62
N LEU A 125 -0.36 -18.86 20.47
CA LEU A 125 -0.33 -17.41 20.30
C LEU A 125 -1.34 -16.66 21.19
N ALA A 126 -2.55 -17.22 21.37
CA ALA A 126 -3.65 -16.62 22.13
C ALA A 126 -3.19 -15.94 23.43
N SER A 127 -2.40 -16.67 24.25
CA SER A 127 -1.85 -16.21 25.52
C SER A 127 -0.79 -15.13 25.37
N GLN A 128 -0.02 -15.19 24.30
CA GLN A 128 1.09 -14.29 23.99
C GLN A 128 0.64 -12.90 23.51
N ILE A 129 -0.41 -12.85 22.68
CA ILE A 129 -0.91 -11.61 22.10
C ILE A 129 -2.14 -11.04 22.85
N SER A 130 -2.81 -11.82 23.72
CA SER A 130 -3.99 -11.36 24.48
C SER A 130 -3.89 -9.89 24.99
N GLY A 131 -4.88 -9.08 24.64
CA GLY A 131 -5.01 -7.68 25.05
C GLY A 131 -4.02 -6.70 24.44
N LEU A 132 -3.11 -7.16 23.53
CA LEU A 132 -2.13 -6.26 22.89
C LEU A 132 -2.75 -5.44 21.75
N TYR A 133 -3.92 -5.90 21.27
CA TYR A 133 -4.78 -5.27 20.29
C TYR A 133 -6.20 -5.56 20.76
N LEU A 134 -7.16 -4.64 20.49
CA LEU A 134 -8.52 -4.78 20.98
C LEU A 134 -9.58 -4.72 19.86
N PRO A 135 -10.80 -5.33 20.03
CA PRO A 135 -11.82 -5.20 18.98
C PRO A 135 -12.41 -3.79 18.92
N TYR A 136 -12.47 -3.12 20.07
CA TYR A 136 -13.01 -1.80 20.16
C TYR A 136 -12.43 -1.06 21.33
N LYS A 137 -12.58 0.26 21.32
CA LYS A 137 -12.16 1.11 22.42
C LYS A 137 -13.19 2.21 22.62
N VAL A 138 -13.46 2.56 23.88
CA VAL A 138 -14.35 3.68 24.23
C VAL A 138 -13.39 4.80 24.62
N LEU A 139 -13.40 5.90 23.87
CA LEU A 139 -12.51 7.02 24.15
C LEU A 139 -13.27 8.23 24.64
N PRO A 140 -12.88 8.79 25.81
CA PRO A 140 -13.49 10.04 26.24
C PRO A 140 -12.99 11.17 25.33
N VAL A 141 -13.92 11.96 24.81
CA VAL A 141 -13.66 13.09 23.91
C VAL A 141 -14.48 14.21 24.50
N GLY A 142 -13.80 15.14 25.15
CA GLY A 142 -14.42 16.24 25.88
C GLY A 142 -15.20 15.66 27.03
N ASP A 143 -16.50 15.99 27.11
CA ASP A 143 -17.40 15.46 28.12
C ASP A 143 -18.17 14.24 27.60
N GLU A 144 -17.87 13.82 26.35
CA GLU A 144 -18.55 12.72 25.69
C GLU A 144 -17.67 11.49 25.50
N VAL A 145 -18.27 10.38 25.08
CA VAL A 145 -17.50 9.18 24.75
C VAL A 145 -17.79 8.81 23.29
N VAL A 146 -16.77 8.32 22.58
CA VAL A 146 -16.87 7.87 21.19
C VAL A 146 -16.28 6.46 21.15
N GLY A 147 -17.04 5.54 20.60
CA GLY A 147 -16.60 4.16 20.44
C GLY A 147 -15.94 3.97 19.09
N ILE A 148 -14.81 3.25 19.06
CA ILE A 148 -14.10 2.95 17.81
C ILE A 148 -13.96 1.44 17.65
N VAL A 149 -14.51 0.88 16.56
CA VAL A 149 -14.42 -0.54 16.23
C VAL A 149 -13.41 -0.68 15.09
N GLY A 150 -12.49 -1.62 15.20
CA GLY A 150 -11.45 -1.81 14.20
C GLY A 150 -11.71 -3.02 13.31
N TYR A 151 -11.09 -3.05 12.14
CA TYR A 151 -11.18 -4.17 11.21
C TYR A 151 -9.94 -4.22 10.30
N THR A 152 -9.55 -5.42 9.89
CA THR A 152 -8.40 -5.68 9.03
C THR A 152 -8.81 -6.55 7.88
N SER A 153 -8.31 -6.24 6.65
CA SER A 153 -8.61 -7.04 5.46
C SER A 153 -8.67 -8.55 5.76
N LYS A 154 -9.82 -9.17 5.48
CA LYS A 154 -10.08 -10.61 5.59
C LYS A 154 -9.06 -11.38 4.72
N GLU A 155 -8.57 -10.75 3.63
CA GLU A 155 -7.63 -11.39 2.71
C GLU A 155 -6.15 -11.25 3.14
N THR A 156 -5.86 -10.76 4.37
CA THR A 156 -4.50 -10.59 4.94
C THR A 156 -3.67 -11.89 4.88
N PRO A 157 -4.16 -13.13 5.21
CA PRO A 157 -3.26 -14.30 5.11
C PRO A 157 -2.61 -14.49 3.75
N PHE A 158 -3.20 -13.97 2.65
CA PHE A 158 -2.67 -14.04 1.28
C PHE A 158 -1.82 -12.81 0.95
N LEU A 159 -2.06 -11.69 1.66
CA LEU A 159 -1.31 -10.45 1.45
C LEU A 159 -0.02 -10.36 2.27
N SER A 160 0.02 -11.01 3.43
CA SER A 160 1.11 -10.89 4.39
C SER A 160 1.63 -12.20 4.99
N ASN A 161 2.22 -12.13 6.21
CA ASN A 161 2.74 -13.28 6.95
C ASN A 161 2.18 -13.29 8.40
N PRO A 162 0.84 -13.34 8.59
CA PRO A 162 0.32 -13.34 9.98
C PRO A 162 0.44 -14.69 10.72
N GLY A 163 0.77 -15.76 10.00
CA GLY A 163 0.91 -17.09 10.56
C GLY A 163 -0.39 -17.87 10.71
N THR A 164 -0.29 -19.13 11.13
CA THR A 164 -1.41 -20.07 11.26
C THR A 164 -2.19 -19.99 12.59
N ASN A 165 -1.85 -19.04 13.46
CA ASN A 165 -2.52 -18.95 14.75
C ASN A 165 -3.45 -17.72 14.88
N LEU A 166 -3.69 -17.04 13.75
CA LEU A 166 -4.60 -15.90 13.65
C LEU A 166 -5.66 -16.23 12.61
N VAL A 167 -6.93 -16.03 12.99
CA VAL A 167 -8.11 -16.25 12.15
C VAL A 167 -8.64 -14.90 11.70
N PHE A 168 -8.82 -14.74 10.39
CA PHE A 168 -9.31 -13.52 9.77
C PHE A 168 -10.74 -13.79 9.33
N GLU A 169 -11.68 -13.28 10.14
CA GLU A 169 -13.11 -13.44 9.93
C GLU A 169 -13.64 -12.39 8.96
N ASP A 170 -14.87 -12.62 8.47
CA ASP A 170 -15.61 -11.67 7.65
C ASP A 170 -15.79 -10.41 8.51
N GLU A 171 -15.45 -9.23 7.95
CA GLU A 171 -15.52 -7.94 8.61
C GLU A 171 -16.91 -7.67 9.19
N ILE A 172 -17.96 -7.72 8.36
CA ILE A 172 -19.34 -7.44 8.76
C ILE A 172 -19.85 -8.41 9.85
N THR A 173 -19.54 -9.72 9.72
CA THR A 173 -19.94 -10.75 10.69
C THR A 173 -19.32 -10.49 12.08
N ALA A 174 -18.07 -10.02 12.10
CA ALA A 174 -17.31 -9.77 13.33
C ALA A 174 -17.54 -8.38 13.93
N LEU A 175 -17.90 -7.39 13.09
CA LEU A 175 -18.13 -6.03 13.57
C LEU A 175 -19.49 -5.85 14.23
N GLN A 176 -20.56 -6.52 13.69
CA GLN A 176 -21.90 -6.36 14.26
C GLN A 176 -22.00 -6.69 15.78
N PRO A 177 -21.41 -7.80 16.33
CA PRO A 177 -21.54 -8.03 17.79
C PRO A 177 -20.76 -7.03 18.66
N GLU A 178 -19.68 -6.46 18.12
CA GLU A 178 -18.86 -5.48 18.84
C GLU A 178 -19.58 -4.14 18.90
N VAL A 179 -20.28 -3.78 17.77
CA VAL A 179 -21.07 -2.54 17.70
C VAL A 179 -22.25 -2.68 18.68
N ASP A 180 -22.93 -3.85 18.67
CA ASP A 180 -24.02 -4.19 19.59
C ASP A 180 -23.56 -4.11 21.05
N LYS A 181 -22.28 -4.45 21.37
CA LYS A 181 -21.77 -4.36 22.76
C LYS A 181 -21.61 -2.91 23.17
N LEU A 182 -21.11 -2.04 22.27
CA LEU A 182 -20.97 -0.61 22.50
C LEU A 182 -22.35 0.05 22.74
N LYS A 183 -23.38 -0.41 22.00
CA LYS A 183 -24.78 0.03 22.11
C LYS A 183 -25.36 -0.31 23.49
N THR A 184 -24.96 -1.46 24.09
CA THR A 184 -25.44 -1.89 25.40
C THR A 184 -24.75 -1.08 26.50
N LEU A 185 -23.55 -0.57 26.22
CA LEU A 185 -22.75 0.30 27.11
C LEU A 185 -23.24 1.76 26.96
N ASN A 186 -24.30 1.95 26.16
CA ASN A 186 -24.95 3.20 25.80
C ASN A 186 -24.00 4.18 25.10
N VAL A 187 -23.06 3.62 24.31
CA VAL A 187 -22.17 4.45 23.50
C VAL A 187 -22.98 4.73 22.23
N ASN A 188 -23.35 5.99 22.03
CA ASN A 188 -24.20 6.36 20.89
C ASN A 188 -23.46 6.97 19.70
N LYS A 189 -22.12 7.15 19.80
CA LYS A 189 -21.30 7.69 18.73
C LYS A 189 -20.28 6.62 18.36
N ILE A 190 -20.38 6.05 17.14
CA ILE A 190 -19.54 4.91 16.75
C ILE A 190 -18.87 5.11 15.37
N ILE A 191 -17.53 4.99 15.35
CA ILE A 191 -16.67 5.08 14.18
C ILE A 191 -16.18 3.68 13.86
N ALA A 192 -16.29 3.21 12.62
CA ALA A 192 -15.67 1.93 12.23
C ALA A 192 -14.35 2.35 11.54
N LEU A 193 -13.20 2.01 12.15
CA LEU A 193 -11.84 2.36 11.67
C LEU A 193 -11.12 1.10 11.23
N GLY A 194 -10.77 1.02 9.95
CA GLY A 194 -10.12 -0.21 9.50
C GLY A 194 -9.45 -0.23 8.17
N HIS A 195 -8.96 -1.43 7.81
CA HIS A 195 -8.13 -1.66 6.65
C HIS A 195 -8.56 -2.77 5.63
N SER A 196 -9.64 -2.53 4.86
CA SER A 196 -10.07 -3.52 3.87
C SER A 196 -10.31 -2.97 2.47
N GLY A 197 -10.17 -1.66 2.29
CA GLY A 197 -10.40 -1.05 0.99
C GLY A 197 -11.76 -0.40 0.94
N PHE A 198 -11.89 0.58 0.06
CA PHE A 198 -13.07 1.43 -0.12
C PHE A 198 -14.34 0.64 -0.40
N GLU A 199 -14.24 -0.44 -1.18
CA GLU A 199 -15.40 -1.29 -1.53
C GLU A 199 -16.00 -1.98 -0.33
N MET A 200 -15.14 -2.48 0.59
CA MET A 200 -15.58 -3.12 1.83
C MET A 200 -16.08 -2.05 2.84
N ASP A 201 -15.42 -0.90 2.91
CA ASP A 201 -15.81 0.23 3.77
C ASP A 201 -17.28 0.65 3.48
N LYS A 202 -17.66 0.69 2.17
CA LYS A 202 -19.01 1.01 1.74
C LYS A 202 -20.02 -0.07 2.18
N LEU A 203 -19.60 -1.36 2.20
CA LEU A 203 -20.43 -2.49 2.66
C LEU A 203 -20.65 -2.43 4.14
N ILE A 204 -19.62 -2.04 4.92
CA ILE A 204 -19.68 -1.84 6.38
C ILE A 204 -20.65 -0.69 6.74
N ALA A 205 -20.64 0.38 5.92
CA ALA A 205 -21.53 1.55 6.11
C ALA A 205 -22.97 1.15 5.79
N GLN A 206 -23.15 0.27 4.81
CA GLN A 206 -24.48 -0.15 4.45
C GLN A 206 -25.13 -1.19 5.39
N LYS A 207 -24.35 -2.22 5.79
CA LYS A 207 -24.80 -3.41 6.49
C LYS A 207 -24.67 -3.42 8.02
N VAL A 208 -23.58 -2.87 8.59
CA VAL A 208 -23.35 -2.89 10.05
C VAL A 208 -24.22 -1.82 10.76
N ARG A 209 -25.32 -2.22 11.40
CA ARG A 209 -26.25 -1.28 12.09
C ARG A 209 -25.56 -0.65 13.30
N GLY A 210 -25.58 0.68 13.37
CA GLY A 210 -25.00 1.39 14.50
C GLY A 210 -23.72 2.15 14.21
N VAL A 211 -23.08 1.89 13.05
CA VAL A 211 -21.85 2.61 12.68
C VAL A 211 -22.28 3.99 12.10
N ASP A 212 -21.71 5.07 12.63
CA ASP A 212 -22.00 6.44 12.20
C ASP A 212 -21.06 6.93 11.13
N VAL A 213 -19.77 6.52 11.20
CA VAL A 213 -18.72 6.95 10.27
C VAL A 213 -17.84 5.75 9.96
N VAL A 214 -17.36 5.67 8.71
CA VAL A 214 -16.38 4.64 8.33
C VAL A 214 -15.09 5.37 7.87
N VAL A 215 -13.95 5.13 8.54
CA VAL A 215 -12.63 5.70 8.21
C VAL A 215 -11.80 4.51 7.71
N GLY A 216 -11.50 4.46 6.40
CA GLY A 216 -10.80 3.34 5.80
C GLY A 216 -9.39 3.52 5.28
N GLY A 217 -8.91 2.50 4.59
CA GLY A 217 -7.57 2.45 4.04
C GLY A 217 -7.44 1.35 2.99
N HIS A 218 -6.20 0.93 2.69
CA HIS A 218 -5.87 -0.20 1.77
C HIS A 218 -6.07 0.07 0.26
N SER A 219 -7.09 0.78 -0.17
CA SER A 219 -7.30 1.04 -1.62
C SER A 219 -6.71 2.40 -2.06
N ASN A 220 -6.06 3.12 -1.12
CA ASN A 220 -5.42 4.44 -1.34
C ASN A 220 -6.39 5.44 -1.98
N THR A 221 -7.70 5.37 -1.58
CA THR A 221 -8.77 6.16 -2.19
C THR A 221 -8.64 7.64 -1.92
N PHE A 222 -8.64 8.39 -3.03
CA PHE A 222 -8.61 9.83 -2.98
C PHE A 222 -10.04 10.32 -3.17
N LEU A 223 -10.60 10.92 -2.14
CA LEU A 223 -11.95 11.50 -2.15
C LEU A 223 -11.84 13.01 -1.96
N TYR A 224 -12.55 13.80 -2.80
CA TYR A 224 -12.50 15.28 -2.71
C TYR A 224 -13.82 15.98 -3.07
N THR A 225 -14.21 17.03 -2.32
CA THR A 225 -15.36 17.87 -2.72
C THR A 225 -14.81 19.20 -3.28
N GLY A 226 -15.10 19.48 -4.54
CA GLY A 226 -14.66 20.69 -5.21
C GLY A 226 -13.51 20.42 -6.15
N ASN A 227 -12.57 21.40 -6.28
CA ASN A 227 -11.40 21.25 -7.14
C ASN A 227 -10.22 20.74 -6.33
N PRO A 228 -9.64 19.57 -6.69
CA PRO A 228 -8.52 19.03 -5.89
C PRO A 228 -7.25 19.89 -5.93
N PRO A 229 -6.43 19.89 -4.84
CA PRO A 229 -5.24 20.76 -4.82
C PRO A 229 -4.00 20.25 -5.54
N SER A 230 -3.91 18.95 -5.86
CA SER A 230 -2.72 18.36 -6.49
C SER A 230 -3.06 17.49 -7.74
N LYS A 231 -2.18 16.53 -8.09
CA LYS A 231 -2.29 15.63 -9.25
C LYS A 231 -3.27 14.46 -9.04
N GLU A 232 -3.65 14.16 -7.77
CA GLU A 232 -4.57 13.05 -7.48
C GLU A 232 -5.98 13.37 -7.97
N VAL A 233 -6.57 12.44 -8.75
CA VAL A 233 -7.93 12.58 -9.31
C VAL A 233 -8.91 11.95 -8.29
N PRO A 234 -9.95 12.68 -7.84
CA PRO A 234 -10.90 12.10 -6.88
C PRO A 234 -11.71 10.94 -7.47
N ALA A 235 -12.00 9.94 -6.64
CA ALA A 235 -12.80 8.78 -6.99
C ALA A 235 -14.27 9.01 -6.56
N GLY A 236 -14.53 10.21 -6.02
CA GLY A 236 -15.82 10.63 -5.53
C GLY A 236 -15.68 11.75 -4.54
N LYS A 237 -16.82 12.33 -4.13
CA LYS A 237 -16.87 13.42 -3.15
C LYS A 237 -16.37 13.01 -1.76
N TYR A 238 -15.91 14.00 -0.99
CA TYR A 238 -15.46 13.82 0.39
C TYR A 238 -16.41 14.57 1.34
N PRO A 239 -17.13 13.85 2.24
CA PRO A 239 -17.15 12.39 2.41
C PRO A 239 -17.98 11.67 1.36
N PHE A 240 -17.77 10.34 1.20
CA PHE A 240 -18.62 9.55 0.31
C PHE A 240 -19.78 9.08 1.18
N ILE A 241 -21.03 9.39 0.79
CA ILE A 241 -22.21 9.03 1.57
C ILE A 241 -22.81 7.70 1.10
N VAL A 242 -22.97 6.76 2.04
CA VAL A 242 -23.60 5.47 1.82
C VAL A 242 -24.94 5.48 2.62
N THR A 243 -26.07 5.12 2.00
CA THR A 243 -27.33 5.02 2.74
C THR A 243 -27.40 3.59 3.27
N SER A 244 -27.48 3.45 4.59
CA SER A 244 -27.51 2.15 5.24
C SER A 244 -28.80 1.39 4.95
N ASP A 245 -28.81 0.08 5.19
CA ASP A 245 -30.02 -0.73 5.01
C ASP A 245 -31.15 -0.21 5.98
N ASP A 246 -30.77 0.35 7.17
CA ASP A 246 -31.74 0.92 8.11
C ASP A 246 -32.04 2.43 7.81
N GLY A 247 -31.61 2.91 6.64
CA GLY A 247 -31.95 4.23 6.13
C GLY A 247 -31.16 5.46 6.56
N ARG A 248 -30.04 5.29 7.25
CA ARG A 248 -29.20 6.41 7.69
C ARG A 248 -28.09 6.72 6.69
N LYS A 249 -27.83 8.01 6.47
CA LYS A 249 -26.75 8.49 5.61
C LYS A 249 -25.45 8.31 6.42
N VAL A 250 -24.52 7.51 5.87
CA VAL A 250 -23.25 7.16 6.54
C VAL A 250 -22.05 7.68 5.73
N PRO A 251 -21.32 8.71 6.23
CA PRO A 251 -20.12 9.15 5.51
C PRO A 251 -19.03 8.10 5.58
N VAL A 252 -18.35 7.91 4.44
CA VAL A 252 -17.24 6.98 4.28
C VAL A 252 -16.09 7.84 3.79
N VAL A 253 -14.98 7.81 4.53
CA VAL A 253 -13.80 8.61 4.23
C VAL A 253 -12.53 7.73 4.09
N GLN A 254 -11.58 8.24 3.33
CA GLN A 254 -10.27 7.67 3.06
C GLN A 254 -9.40 8.89 2.66
N ALA A 255 -8.07 8.86 2.91
CA ALA A 255 -7.20 10.02 2.63
C ALA A 255 -5.97 9.67 1.78
N TYR A 256 -6.18 9.01 0.61
CA TYR A 256 -5.10 8.65 -0.33
C TYR A 256 -4.05 7.75 0.39
N ALA A 257 -2.77 8.15 0.43
CA ALA A 257 -1.65 7.41 1.01
C ALA A 257 -0.40 8.31 1.14
N PHE A 258 0.65 7.72 1.76
CA PHE A 258 2.02 8.21 1.90
C PHE A 258 2.17 9.46 2.79
N GLY A 259 1.15 9.78 3.56
CA GLY A 259 1.15 10.94 4.47
C GLY A 259 1.14 12.28 3.75
N LYS A 260 0.82 12.30 2.44
CA LYS A 260 0.74 13.50 1.60
C LYS A 260 -0.46 14.38 2.06
N TYR A 261 -1.59 13.73 2.44
CA TYR A 261 -2.79 14.42 2.92
C TYR A 261 -3.14 14.00 4.31
N LEU A 262 -3.84 14.89 5.04
CA LEU A 262 -4.39 14.56 6.33
C LEU A 262 -5.89 14.64 6.12
N GLY A 263 -6.60 13.51 6.26
CA GLY A 263 -8.05 13.50 6.17
C GLY A 263 -8.64 14.37 7.26
N TYR A 264 -9.75 15.03 6.99
CA TYR A 264 -10.34 16.00 7.89
C TYR A 264 -11.81 16.03 7.67
N LEU A 265 -12.58 15.54 8.65
CA LEU A 265 -14.01 15.46 8.58
C LEU A 265 -14.67 15.99 9.86
N LYS A 266 -15.63 16.91 9.73
CA LYS A 266 -16.39 17.41 10.87
C LYS A 266 -17.78 16.78 10.86
N ILE A 267 -18.18 16.13 11.96
CA ILE A 267 -19.51 15.53 12.08
C ILE A 267 -20.26 16.28 13.14
N GLU A 268 -21.45 16.80 12.81
CA GLU A 268 -22.32 17.42 13.81
C GLU A 268 -23.26 16.30 14.28
N PHE A 269 -23.18 15.93 15.56
CA PHE A 269 -24.03 14.87 16.11
C PHE A 269 -25.15 15.53 16.94
N ASP A 270 -26.28 14.82 17.14
CA ASP A 270 -27.28 15.35 18.05
C ASP A 270 -27.02 14.69 19.42
N GLU A 271 -27.90 14.94 20.42
CA GLU A 271 -27.78 14.41 21.77
C GLU A 271 -27.82 12.89 21.86
N ARG A 272 -28.51 12.24 20.90
CA ARG A 272 -28.66 10.77 20.83
C ARG A 272 -27.65 10.09 19.90
N GLY A 273 -26.66 10.84 19.43
CA GLY A 273 -25.59 10.34 18.57
C GLY A 273 -25.97 10.16 17.11
N ASN A 274 -27.13 10.73 16.70
CA ASN A 274 -27.56 10.68 15.30
C ASN A 274 -26.69 11.68 14.53
N VAL A 275 -26.22 11.32 13.33
CA VAL A 275 -25.40 12.23 12.52
C VAL A 275 -26.37 13.19 11.88
N ILE A 276 -26.17 14.49 12.12
CA ILE A 276 -27.01 15.55 11.55
C ILE A 276 -26.47 15.86 10.17
N SER A 277 -25.16 16.18 10.10
CA SER A 277 -24.45 16.53 8.88
C SER A 277 -22.98 16.22 9.06
N SER A 278 -22.24 16.29 7.96
CA SER A 278 -20.78 16.11 7.92
C SER A 278 -20.23 16.80 6.69
N HIS A 279 -19.10 17.49 6.86
CA HIS A 279 -18.38 18.18 5.81
C HIS A 279 -16.90 18.08 6.13
N GLY A 280 -16.10 18.12 5.08
CA GLY A 280 -14.66 18.11 5.20
C GLY A 280 -14.01 18.04 3.84
N ASN A 281 -12.72 17.70 3.83
CA ASN A 281 -11.86 17.47 2.68
C ASN A 281 -10.47 17.09 3.18
N PRO A 282 -9.69 16.23 2.47
CA PRO A 282 -8.30 15.99 2.89
C PRO A 282 -7.47 17.28 2.75
N ILE A 283 -6.52 17.47 3.66
CA ILE A 283 -5.65 18.65 3.72
C ILE A 283 -4.33 18.27 3.10
N LEU A 284 -3.93 18.97 2.02
CA LEU A 284 -2.66 18.72 1.35
C LEU A 284 -1.55 19.24 2.24
N LEU A 285 -0.66 18.34 2.68
CA LEU A 285 0.44 18.73 3.55
C LEU A 285 1.60 19.21 2.70
N ASP A 286 1.48 20.43 2.12
CA ASP A 286 2.54 21.00 1.31
C ASP A 286 3.42 21.96 2.10
N SER A 287 4.40 22.56 1.39
CA SER A 287 5.39 23.55 1.81
C SER A 287 4.84 24.70 2.63
N SER A 288 3.61 25.17 2.32
CA SER A 288 2.91 26.25 3.03
C SER A 288 2.80 25.96 4.53
N ILE A 289 2.58 24.68 4.91
CA ILE A 289 2.53 24.24 6.30
C ILE A 289 3.98 24.03 6.73
N PRO A 290 4.50 24.73 7.75
CA PRO A 290 5.91 24.50 8.11
C PRO A 290 6.09 23.26 8.99
N GLU A 291 7.21 22.56 8.89
CA GLU A 291 7.49 21.37 9.72
C GLU A 291 7.75 21.79 11.17
N ASP A 292 7.20 21.04 12.13
CA ASP A 292 7.42 21.33 13.54
C ASP A 292 8.92 21.18 13.88
N PRO A 293 9.59 22.21 14.49
CA PRO A 293 11.04 22.10 14.77
C PRO A 293 11.45 20.97 15.74
N SER A 294 10.63 20.71 16.77
CA SER A 294 10.89 19.65 17.75
C SER A 294 10.81 18.27 17.16
N ILE A 295 9.76 17.98 16.34
CA ILE A 295 9.60 16.70 15.66
C ILE A 295 10.71 16.54 14.61
N LYS A 296 11.04 17.63 13.86
CA LYS A 296 12.05 17.64 12.80
C LYS A 296 13.45 17.33 13.37
N ALA A 297 13.80 17.90 14.55
CA ALA A 297 15.09 17.67 15.21
C ALA A 297 15.18 16.21 15.70
N ASP A 298 14.02 15.63 16.09
CA ASP A 298 13.91 14.24 16.53
C ASP A 298 14.02 13.30 15.32
N ILE A 299 13.40 13.69 14.18
CA ILE A 299 13.49 12.96 12.91
C ILE A 299 14.97 12.93 12.46
N ASN A 300 15.67 14.08 12.56
CA ASN A 300 17.09 14.20 12.19
C ASN A 300 18.03 13.34 13.07
N LYS A 301 17.67 13.12 14.36
CA LYS A 301 18.45 12.31 15.30
C LYS A 301 18.40 10.83 14.85
N TRP A 302 17.19 10.33 14.56
CA TRP A 302 16.93 8.98 14.07
C TRP A 302 17.48 8.78 12.65
N ARG A 303 17.62 9.87 11.88
CA ARG A 303 18.12 9.84 10.50
C ARG A 303 19.60 9.45 10.39
N ILE A 304 20.40 9.68 11.46
CA ILE A 304 21.83 9.35 11.49
C ILE A 304 22.09 7.89 11.11
N LYS A 305 21.38 6.94 11.76
CA LYS A 305 21.51 5.50 11.52
C LYS A 305 21.23 5.12 10.05
N LEU A 306 20.35 5.88 9.37
CA LEU A 306 19.93 5.63 7.98
C LEU A 306 20.94 6.14 6.94
N ASP A 307 21.72 7.17 7.28
CA ASP A 307 22.64 7.85 6.36
C ASP A 307 23.66 6.94 5.68
N ASP A 308 24.08 5.82 6.31
CA ASP A 308 25.03 4.88 5.70
C ASP A 308 24.39 4.00 4.56
N TYR A 309 23.08 4.23 4.26
CA TYR A 309 22.33 3.56 3.18
C TYR A 309 22.20 4.49 1.95
N SER A 310 22.64 5.75 2.10
CA SER A 310 22.62 6.77 1.06
C SER A 310 24.04 7.29 0.73
N THR A 311 25.02 6.93 1.58
CA THR A 311 26.43 7.30 1.42
C THR A 311 27.01 6.65 0.14
N GLN A 312 26.57 5.42 -0.18
CA GLN A 312 27.08 4.71 -1.35
C GLN A 312 26.14 4.77 -2.56
N GLU A 313 26.66 5.35 -3.66
CA GLU A 313 25.98 5.52 -4.95
C GLU A 313 26.15 4.21 -5.76
N LEU A 314 25.04 3.63 -6.21
CA LEU A 314 25.07 2.38 -6.99
C LEU A 314 25.31 2.67 -8.48
N GLY A 315 24.80 3.80 -8.93
CA GLY A 315 24.90 4.25 -10.31
C GLY A 315 24.08 5.48 -10.56
N LYS A 316 23.90 5.83 -11.83
CA LYS A 316 23.16 7.02 -12.23
C LYS A 316 22.05 6.72 -13.21
N THR A 317 20.98 7.52 -13.16
CA THR A 317 19.88 7.52 -14.11
C THR A 317 19.85 8.92 -14.73
N ILE A 318 19.69 8.99 -16.06
CA ILE A 318 19.62 10.27 -16.80
C ILE A 318 18.15 10.52 -17.16
N VAL A 319 17.27 9.56 -16.77
CA VAL A 319 15.82 9.56 -17.02
C VAL A 319 14.99 9.37 -15.72
N TYR A 320 13.75 9.89 -15.69
CA TYR A 320 12.87 9.69 -14.56
C TYR A 320 12.49 8.20 -14.57
N LEU A 321 12.62 7.54 -13.40
CA LEU A 321 12.32 6.13 -13.28
C LEU A 321 10.92 6.04 -12.75
N ASP A 322 9.96 5.94 -13.68
CA ASP A 322 8.55 5.96 -13.37
C ASP A 322 8.04 4.67 -12.71
N GLY A 323 8.08 4.69 -11.37
CA GLY A 323 7.60 3.61 -10.52
C GLY A 323 6.29 3.95 -9.82
N SER A 324 5.50 4.85 -10.43
CA SER A 324 4.22 5.28 -9.88
C SER A 324 3.14 4.31 -10.27
N SER A 325 2.11 4.20 -9.42
CA SER A 325 0.94 3.32 -9.61
C SER A 325 0.10 3.76 -10.79
N GLN A 326 -0.05 5.07 -10.99
CA GLN A 326 -0.79 5.64 -12.12
C GLN A 326 -0.22 5.24 -13.49
N SER A 327 1.07 4.87 -13.51
CA SER A 327 1.76 4.40 -14.70
C SER A 327 1.89 2.89 -14.69
N CYS A 328 2.51 2.29 -13.64
CA CYS A 328 2.88 0.87 -13.55
C CYS A 328 1.72 -0.11 -13.40
N ARG A 329 0.53 0.36 -13.03
CA ARG A 329 -0.69 -0.46 -12.91
C ARG A 329 -1.63 -0.26 -14.13
N PHE A 330 -1.28 0.65 -15.08
CA PHE A 330 -2.16 0.97 -16.20
C PHE A 330 -1.55 0.75 -17.58
N ARG A 331 -0.21 0.80 -17.69
CA ARG A 331 0.51 0.64 -18.95
C ARG A 331 1.96 0.31 -18.66
N GLU A 332 2.76 0.13 -19.71
CA GLU A 332 4.19 -0.14 -19.64
C GLU A 332 4.87 1.06 -18.93
N CYS A 333 5.60 0.78 -17.84
CA CYS A 333 6.34 1.83 -17.17
C CYS A 333 7.83 1.47 -17.24
N ASN A 334 8.70 2.48 -17.41
CA ASN A 334 10.15 2.26 -17.58
C ASN A 334 10.79 1.68 -16.32
N MET A 335 10.25 1.94 -15.10
CA MET A 335 10.76 1.28 -13.89
C MET A 335 10.54 -0.25 -14.00
N GLY A 336 9.38 -0.66 -14.51
CA GLY A 336 9.05 -2.06 -14.74
C GLY A 336 9.95 -2.74 -15.77
N ASN A 337 10.29 -2.03 -16.87
CA ASN A 337 11.18 -2.56 -17.91
C ASN A 337 12.59 -2.74 -17.35
N LEU A 338 13.03 -1.77 -16.51
CA LEU A 338 14.33 -1.79 -15.86
C LEU A 338 14.48 -3.03 -14.95
N ILE A 339 13.54 -3.22 -13.99
CA ILE A 339 13.53 -4.35 -13.07
C ILE A 339 13.48 -5.68 -13.86
N CYS A 340 12.61 -5.80 -14.89
CA CYS A 340 12.59 -7.02 -15.73
C CYS A 340 13.89 -7.22 -16.51
N ASP A 341 14.57 -6.14 -16.93
CA ASP A 341 15.87 -6.28 -17.62
C ASP A 341 16.95 -6.72 -16.64
N ALA A 342 16.87 -6.24 -15.38
CA ALA A 342 17.80 -6.63 -14.32
C ALA A 342 17.65 -8.13 -13.97
N MET A 343 16.39 -8.64 -13.89
CA MET A 343 16.06 -10.04 -13.60
C MET A 343 16.62 -10.99 -14.68
N ILE A 344 16.35 -10.67 -15.96
CA ILE A 344 16.87 -11.43 -17.12
C ILE A 344 18.41 -11.33 -17.16
N ASN A 345 18.99 -10.14 -16.85
CA ASN A 345 20.45 -9.97 -16.86
C ASN A 345 21.17 -10.81 -15.79
N ASN A 346 20.60 -10.88 -14.57
CA ASN A 346 21.11 -11.66 -13.45
C ASN A 346 21.05 -13.18 -13.73
N ASN A 347 20.02 -13.62 -14.48
CA ASN A 347 19.84 -15.03 -14.82
C ASN A 347 20.61 -15.46 -16.08
N LEU A 348 20.87 -14.51 -17.03
CA LEU A 348 21.63 -14.76 -18.25
C LEU A 348 23.13 -14.55 -18.09
N ARG A 349 23.56 -13.92 -16.97
CA ARG A 349 24.97 -13.68 -16.64
C ARG A 349 25.75 -15.00 -16.50
N HIS A 350 25.04 -16.07 -16.07
CA HIS A 350 25.55 -17.43 -15.87
C HIS A 350 24.58 -18.40 -16.59
N ALA A 351 24.85 -18.68 -17.89
CA ALA A 351 24.01 -19.55 -18.71
C ALA A 351 24.82 -20.31 -19.77
N PHE A 355 20.68 -23.81 -26.47
CA PHE A 355 19.27 -23.49 -26.65
C PHE A 355 18.55 -23.45 -25.32
N TRP A 356 18.73 -24.50 -24.49
CA TRP A 356 18.13 -24.57 -23.16
C TRP A 356 19.03 -23.88 -22.13
N ASN A 357 18.74 -24.06 -20.82
CA ASN A 357 19.39 -23.42 -19.67
C ASN A 357 19.00 -21.94 -19.58
N HIS A 358 18.94 -21.22 -20.75
CA HIS A 358 18.55 -19.83 -20.93
C HIS A 358 17.13 -19.55 -20.36
N VAL A 359 16.86 -18.27 -20.13
CA VAL A 359 15.58 -17.70 -19.67
C VAL A 359 15.48 -16.34 -20.38
N SER A 360 14.45 -16.18 -21.21
CA SER A 360 14.29 -14.95 -22.00
C SER A 360 13.20 -14.04 -21.53
N MET A 361 12.23 -14.58 -20.78
CA MET A 361 11.06 -13.82 -20.37
C MET A 361 11.00 -13.42 -18.89
N CYS A 362 10.31 -12.33 -18.62
CA CYS A 362 10.08 -11.78 -17.30
C CYS A 362 8.64 -11.27 -17.18
N ILE A 363 8.03 -11.44 -16.00
CA ILE A 363 6.71 -10.90 -15.64
C ILE A 363 6.81 -10.35 -14.21
N LEU A 364 6.13 -9.23 -13.98
CA LEU A 364 6.24 -8.48 -12.75
C LEU A 364 4.95 -7.75 -12.46
N ASN A 365 4.30 -8.02 -11.31
CA ASN A 365 3.08 -7.30 -10.92
C ASN A 365 3.43 -5.82 -10.69
N GLY A 366 2.74 -4.94 -11.41
CA GLY A 366 2.91 -3.48 -11.35
C GLY A 366 2.77 -2.87 -9.96
N GLY A 367 1.89 -3.45 -9.13
CA GLY A 367 1.65 -3.04 -7.75
C GLY A 367 2.77 -3.39 -6.78
N GLY A 368 3.70 -4.26 -7.22
CA GLY A 368 4.89 -4.60 -6.44
C GLY A 368 5.97 -3.51 -6.52
N ILE A 369 5.87 -2.58 -7.51
CA ILE A 369 6.79 -1.44 -7.68
C ILE A 369 6.19 -0.36 -6.77
N ARG A 370 6.90 0.02 -5.70
CA ARG A 370 6.30 0.88 -4.67
C ARG A 370 6.75 2.35 -4.64
N SER A 371 7.65 2.76 -5.53
CA SER A 371 8.10 4.14 -5.59
C SER A 371 8.83 4.47 -6.87
N PRO A 372 8.68 5.73 -7.39
CA PRO A 372 9.53 6.18 -8.49
C PRO A 372 10.92 6.60 -7.96
N ILE A 373 11.86 6.91 -8.85
CA ILE A 373 13.20 7.46 -8.52
C ILE A 373 13.37 8.67 -9.43
N ASP A 374 13.73 9.82 -8.86
CA ASP A 374 13.95 11.05 -9.62
C ASP A 374 15.40 11.15 -10.11
N GLU A 375 15.60 11.69 -11.32
CA GLU A 375 16.88 11.86 -12.02
C GLU A 375 17.58 13.22 -11.77
N ARG A 376 16.86 14.18 -11.15
CA ARG A 376 17.36 15.54 -10.93
C ARG A 376 18.36 15.68 -9.75
N ASN A 377 18.44 14.65 -8.86
CA ASN A 377 19.38 14.59 -7.72
C ASN A 377 20.79 14.12 -8.23
N ASP A 378 21.40 14.89 -9.18
CA ASP A 378 22.69 14.61 -9.83
C ASP A 378 22.66 13.26 -10.62
N GLY A 379 21.50 12.61 -10.65
CA GLY A 379 21.28 11.31 -11.28
C GLY A 379 21.40 10.12 -10.36
N THR A 380 21.98 10.34 -9.16
CA THR A 380 22.33 9.39 -8.10
C THR A 380 21.21 8.43 -7.69
N ILE A 381 21.54 7.13 -7.70
CA ILE A 381 20.70 6.03 -7.25
C ILE A 381 21.48 5.45 -6.05
N THR A 382 20.80 5.34 -4.90
CA THR A 382 21.41 4.82 -3.69
C THR A 382 20.60 3.59 -3.29
N TRP A 383 21.10 2.83 -2.29
CA TRP A 383 20.39 1.68 -1.72
C TRP A 383 19.03 2.13 -1.14
N GLU A 384 18.94 3.42 -0.66
CA GLU A 384 17.72 3.98 -0.12
C GLU A 384 16.62 4.19 -1.16
N ASN A 385 16.92 4.85 -2.30
CA ASN A 385 15.96 5.08 -3.41
C ASN A 385 15.42 3.72 -3.89
N LEU A 386 16.31 2.72 -3.98
CA LEU A 386 16.00 1.35 -4.37
C LEU A 386 15.20 0.62 -3.30
N ALA A 387 15.45 0.93 -2.02
CA ALA A 387 14.73 0.36 -0.88
C ALA A 387 13.25 0.74 -0.91
N ALA A 388 12.89 1.92 -1.47
CA ALA A 388 11.49 2.32 -1.54
C ALA A 388 10.78 1.73 -2.76
N VAL A 389 11.52 1.43 -3.84
CA VAL A 389 10.97 0.82 -5.04
C VAL A 389 10.58 -0.62 -4.70
N LEU A 390 11.50 -1.35 -4.06
CA LEU A 390 11.45 -2.77 -3.70
C LEU A 390 11.64 -2.92 -2.18
N PRO A 391 10.60 -2.64 -1.37
CA PRO A 391 10.78 -2.70 0.09
C PRO A 391 10.54 -4.05 0.79
N PHE A 392 9.97 -5.05 0.09
CA PHE A 392 9.47 -6.30 0.68
C PHE A 392 10.48 -7.42 0.95
N GLY A 393 11.70 -7.30 0.43
CA GLY A 393 12.73 -8.31 0.64
C GLY A 393 12.40 -9.69 0.10
N GLY A 394 11.74 -9.74 -1.06
CA GLY A 394 11.37 -10.97 -1.74
C GLY A 394 12.43 -11.42 -2.73
N THR A 395 12.18 -12.51 -3.42
CA THR A 395 13.14 -13.05 -4.39
C THR A 395 12.60 -13.06 -5.80
N PHE A 396 13.51 -13.05 -6.78
CA PHE A 396 13.18 -13.14 -8.19
C PHE A 396 13.41 -14.59 -8.62
N ASP A 397 12.32 -15.35 -8.67
CA ASP A 397 12.30 -16.80 -8.92
C ASP A 397 12.13 -17.20 -10.37
N LEU A 398 12.57 -18.44 -10.68
CA LEU A 398 12.44 -19.03 -12.00
C LEU A 398 11.30 -20.04 -11.92
N VAL A 399 10.39 -19.99 -12.90
CA VAL A 399 9.23 -20.85 -13.02
C VAL A 399 9.10 -21.41 -14.47
N GLN A 400 8.55 -22.63 -14.61
CA GLN A 400 8.32 -23.23 -15.93
C GLN A 400 6.80 -23.28 -16.17
N LEU A 401 6.34 -22.53 -17.18
CA LEU A 401 4.91 -22.40 -17.49
C LEU A 401 4.52 -22.83 -18.88
N LYS A 402 3.36 -23.46 -19.00
CA LYS A 402 2.73 -23.86 -20.26
C LYS A 402 2.25 -22.54 -20.88
N GLY A 403 2.23 -22.46 -22.20
CA GLY A 403 1.78 -21.27 -22.92
C GLY A 403 0.37 -20.87 -22.52
N SER A 404 -0.46 -21.89 -22.21
CA SER A 404 -1.85 -21.75 -21.76
C SER A 404 -1.89 -21.00 -20.42
N THR A 405 -0.99 -21.37 -19.47
CA THR A 405 -0.87 -20.75 -18.15
C THR A 405 -0.44 -19.29 -18.27
N LEU A 406 0.54 -19.01 -19.17
CA LEU A 406 1.05 -17.66 -19.43
C LEU A 406 -0.01 -16.76 -20.03
N LYS A 407 -0.84 -17.32 -20.93
CA LYS A 407 -1.95 -16.61 -21.57
C LYS A 407 -3.04 -16.31 -20.50
N LYS A 408 -3.25 -17.24 -19.55
CA LYS A 408 -4.20 -17.03 -18.44
C LYS A 408 -3.76 -15.90 -17.50
N ALA A 409 -2.45 -15.82 -17.20
CA ALA A 409 -1.85 -14.81 -16.34
C ALA A 409 -1.96 -13.43 -17.01
N PHE A 410 -1.80 -13.38 -18.36
CA PHE A 410 -1.92 -12.14 -19.12
C PHE A 410 -3.37 -11.68 -19.25
N GLU A 411 -4.32 -12.65 -19.24
CA GLU A 411 -5.76 -12.37 -19.28
C GLU A 411 -6.19 -11.78 -17.97
N HIS A 412 -5.65 -12.33 -16.84
CA HIS A 412 -5.85 -11.89 -15.45
C HIS A 412 -5.27 -10.50 -15.26
N SER A 413 -4.18 -10.21 -15.95
CA SER A 413 -3.46 -8.93 -15.87
C SER A 413 -4.39 -7.74 -16.14
N VAL A 414 -5.39 -7.91 -17.02
CA VAL A 414 -6.32 -6.86 -17.45
C VAL A 414 -7.82 -7.24 -17.28
N HIS A 415 -8.13 -8.36 -16.57
CA HIS A 415 -9.50 -8.84 -16.35
C HIS A 415 -10.40 -7.77 -15.73
N ARG A 416 -9.83 -6.94 -14.81
CA ARG A 416 -10.52 -5.83 -14.14
C ARG A 416 -9.76 -4.53 -14.38
N TYR A 417 -9.33 -4.31 -15.65
CA TYR A 417 -8.61 -3.10 -16.04
C TYR A 417 -9.44 -1.83 -15.77
N GLY A 418 -8.80 -0.89 -15.07
CA GLY A 418 -9.39 0.40 -14.76
C GLY A 418 -9.76 0.55 -13.30
N GLN A 419 -9.14 -0.25 -12.40
CA GLN A 419 -9.43 -0.23 -10.97
C GLN A 419 -8.19 0.04 -10.08
N SER A 420 -7.06 0.43 -10.72
CA SER A 420 -5.74 0.69 -10.10
C SER A 420 -5.30 -0.54 -9.30
N THR A 421 -5.63 -1.69 -9.86
CA THR A 421 -5.29 -2.99 -9.34
C THR A 421 -3.83 -3.28 -9.77
N GLY A 422 -3.03 -3.69 -8.80
CA GLY A 422 -1.61 -3.95 -8.97
C GLY A 422 -1.23 -5.20 -9.73
N GLU A 423 -2.20 -5.99 -10.21
CA GLU A 423 -1.92 -7.23 -10.95
C GLU A 423 -1.46 -6.98 -12.39
N PHE A 424 -1.59 -5.73 -12.89
CA PHE A 424 -1.16 -5.37 -14.24
C PHE A 424 0.31 -5.77 -14.40
N LEU A 425 0.61 -6.56 -15.41
CA LEU A 425 1.97 -7.04 -15.53
C LEU A 425 2.92 -6.16 -16.36
N GLN A 426 4.12 -5.96 -15.80
CA GLN A 426 5.29 -5.36 -16.44
C GLN A 426 6.06 -6.55 -16.99
N VAL A 427 6.71 -6.39 -18.17
CA VAL A 427 7.36 -7.52 -18.86
C VAL A 427 8.77 -7.25 -19.39
N GLY A 428 9.45 -8.33 -19.74
CA GLY A 428 10.77 -8.40 -20.36
C GLY A 428 10.78 -9.62 -21.23
N GLY A 429 11.28 -9.49 -22.45
CA GLY A 429 11.32 -10.59 -23.43
C GLY A 429 9.95 -11.04 -23.90
N ILE A 430 8.94 -10.15 -23.80
CA ILE A 430 7.53 -10.41 -24.15
C ILE A 430 6.97 -9.14 -24.80
N HIS A 431 6.16 -9.33 -25.86
CA HIS A 431 5.43 -8.28 -26.59
C HIS A 431 3.93 -8.62 -26.53
N VAL A 432 3.19 -7.95 -25.67
CA VAL A 432 1.76 -8.20 -25.48
C VAL A 432 0.90 -7.05 -26.04
N VAL A 433 -0.21 -7.37 -26.72
CA VAL A 433 -1.18 -6.40 -27.19
C VAL A 433 -2.54 -6.77 -26.59
N TYR A 434 -3.21 -5.79 -25.97
CA TYR A 434 -4.53 -5.95 -25.36
C TYR A 434 -5.61 -5.19 -26.15
N ASP A 435 -6.84 -5.70 -26.17
CA ASP A 435 -7.98 -5.00 -26.78
C ASP A 435 -9.03 -4.97 -25.69
N LEU A 436 -9.04 -3.88 -24.90
CA LEU A 436 -9.92 -3.68 -23.74
C LEU A 436 -11.43 -3.63 -24.10
N SER A 437 -11.76 -3.45 -25.39
CA SER A 437 -13.15 -3.45 -25.86
C SER A 437 -13.74 -4.89 -25.83
N ARG A 438 -12.86 -5.91 -25.77
CA ARG A 438 -13.25 -7.32 -25.71
C ARG A 438 -13.62 -7.73 -24.28
N LYS A 439 -14.47 -8.76 -24.17
CA LYS A 439 -14.95 -9.31 -22.91
C LYS A 439 -13.81 -9.84 -22.04
N PRO A 440 -13.84 -9.62 -20.68
CA PRO A 440 -12.76 -10.14 -19.81
C PRO A 440 -12.56 -11.64 -19.98
N GLY A 441 -11.30 -12.06 -20.00
CA GLY A 441 -10.94 -13.45 -20.22
C GLY A 441 -10.55 -13.69 -21.67
N ASP A 442 -10.75 -12.67 -22.53
CA ASP A 442 -10.41 -12.69 -23.96
C ASP A 442 -9.91 -11.32 -24.51
N ARG A 443 -9.07 -10.63 -23.71
CA ARG A 443 -8.55 -9.31 -24.03
C ARG A 443 -7.15 -9.30 -24.67
N VAL A 444 -6.39 -10.41 -24.55
CA VAL A 444 -5.05 -10.55 -25.13
C VAL A 444 -5.20 -10.91 -26.62
N VAL A 445 -4.91 -9.96 -27.50
CA VAL A 445 -5.05 -10.13 -28.94
C VAL A 445 -3.73 -10.55 -29.60
N LYS A 446 -2.60 -10.20 -28.95
CA LYS A 446 -1.27 -10.59 -29.41
C LYS A 446 -0.37 -10.87 -28.21
N LEU A 447 0.35 -12.00 -28.27
CA LEU A 447 1.30 -12.39 -27.24
C LEU A 447 2.52 -13.06 -27.90
N ASP A 448 3.54 -12.26 -28.19
CA ASP A 448 4.77 -12.75 -28.80
C ASP A 448 5.84 -12.83 -27.73
N VAL A 449 6.64 -13.90 -27.74
CA VAL A 449 7.69 -14.07 -26.75
C VAL A 449 9.04 -14.33 -27.42
N LEU A 450 10.12 -13.97 -26.73
CA LEU A 450 11.49 -14.14 -27.20
C LEU A 450 11.88 -15.62 -27.13
N CYS A 451 12.28 -16.23 -28.27
CA CYS A 451 12.70 -17.63 -28.26
C CYS A 451 14.01 -17.82 -27.48
N THR A 452 14.14 -19.02 -26.90
CA THR A 452 15.32 -19.47 -26.18
C THR A 452 16.03 -20.48 -27.09
N LYS A 453 15.24 -21.41 -27.71
CA LYS A 453 15.66 -22.47 -28.61
C LYS A 453 15.76 -21.96 -30.06
N CYS A 454 16.80 -21.15 -30.29
CA CYS A 454 17.11 -20.44 -31.53
C CYS A 454 18.49 -19.86 -31.33
N ARG A 455 19.28 -19.79 -32.41
CA ARG A 455 20.62 -19.24 -32.33
C ARG A 455 20.58 -17.72 -32.17
N VAL A 456 19.79 -17.01 -33.00
CA VAL A 456 19.56 -15.55 -32.86
C VAL A 456 18.19 -15.35 -32.18
N PRO A 457 18.12 -14.67 -31.01
CA PRO A 457 16.80 -14.46 -30.38
C PRO A 457 15.91 -13.50 -31.18
N SER A 458 14.63 -13.87 -31.32
CA SER A 458 13.59 -13.13 -32.05
C SER A 458 12.23 -13.48 -31.45
N TYR A 459 11.26 -12.61 -31.72
CA TYR A 459 9.89 -12.70 -31.18
C TYR A 459 8.99 -13.52 -32.08
N ASP A 460 8.44 -14.58 -31.49
CA ASP A 460 7.55 -15.55 -32.13
C ASP A 460 6.25 -15.68 -31.34
N PRO A 461 5.10 -15.98 -31.99
CA PRO A 461 3.85 -16.11 -31.22
C PRO A 461 3.89 -17.18 -30.13
N LEU A 462 3.17 -16.92 -29.02
CA LEU A 462 3.11 -17.85 -27.90
C LEU A 462 2.30 -19.09 -28.30
N LYS A 463 2.83 -20.28 -27.99
CA LYS A 463 2.14 -21.54 -28.27
C LYS A 463 1.61 -22.11 -26.98
N MET A 464 0.29 -22.38 -26.95
CA MET A 464 -0.44 -22.89 -25.79
C MET A 464 0.12 -24.23 -25.27
N ASP A 465 0.52 -25.11 -26.20
CA ASP A 465 1.07 -26.45 -25.93
C ASP A 465 2.59 -26.42 -25.65
N GLU A 466 3.21 -25.22 -25.64
CA GLU A 466 4.65 -25.08 -25.40
C GLU A 466 4.96 -24.70 -23.96
N VAL A 467 6.20 -24.97 -23.50
CA VAL A 467 6.59 -24.66 -22.12
C VAL A 467 7.74 -23.64 -22.09
N TYR A 468 7.52 -22.53 -21.38
CA TYR A 468 8.41 -21.39 -21.28
C TYR A 468 8.95 -21.17 -19.88
N LYS A 469 10.19 -20.68 -19.80
CA LYS A 469 10.83 -20.33 -18.54
C LYS A 469 10.65 -18.82 -18.29
N VAL A 470 10.03 -18.46 -17.15
CA VAL A 470 9.73 -17.08 -16.78
C VAL A 470 10.35 -16.73 -15.43
N ILE A 471 11.04 -15.57 -15.34
CA ILE A 471 11.58 -15.03 -14.08
C ILE A 471 10.49 -14.09 -13.51
N LEU A 472 10.05 -14.33 -12.27
CA LEU A 472 8.98 -13.55 -11.64
C LEU A 472 9.15 -13.40 -10.12
N PRO A 473 8.48 -12.43 -9.43
CA PRO A 473 8.61 -12.38 -7.95
C PRO A 473 8.06 -13.65 -7.29
N ASN A 474 8.66 -14.06 -6.16
CA ASN A 474 8.23 -15.20 -5.33
C ASN A 474 6.72 -15.04 -4.99
N PHE A 475 6.25 -13.78 -4.90
CA PHE A 475 4.87 -13.37 -4.62
C PHE A 475 3.89 -13.89 -5.67
N LEU A 476 4.29 -13.85 -6.94
CA LEU A 476 3.47 -14.29 -8.07
C LEU A 476 3.45 -15.79 -8.21
N ALA A 477 4.61 -16.44 -7.96
CA ALA A 477 4.79 -17.89 -8.01
C ALA A 477 3.87 -18.56 -6.99
N ASN A 478 3.63 -17.86 -5.85
CA ASN A 478 2.77 -18.31 -4.75
C ASN A 478 1.29 -17.92 -4.97
N GLY A 479 0.93 -17.54 -6.19
CA GLY A 479 -0.43 -17.16 -6.54
C GLY A 479 -0.91 -15.81 -6.04
N GLY A 480 0.03 -14.95 -5.62
CA GLY A 480 -0.26 -13.62 -5.10
C GLY A 480 -0.85 -12.73 -6.18
N ASP A 481 -1.73 -11.80 -5.78
CA ASP A 481 -2.43 -10.87 -6.71
C ASP A 481 -3.46 -11.57 -7.60
N GLY A 482 -3.94 -12.72 -7.12
CA GLY A 482 -4.95 -13.53 -7.80
C GLY A 482 -4.41 -14.34 -8.95
N PHE A 483 -3.08 -14.48 -9.05
CA PHE A 483 -2.40 -15.28 -10.09
C PHE A 483 -2.33 -16.74 -9.62
N GLN A 484 -3.51 -17.28 -9.24
CA GLN A 484 -3.70 -18.64 -8.79
C GLN A 484 -3.24 -19.65 -9.84
N MET A 485 -3.43 -19.33 -11.15
CA MET A 485 -3.04 -20.21 -12.26
C MET A 485 -1.52 -20.48 -12.29
N ILE A 486 -0.70 -19.51 -11.84
CA ILE A 486 0.77 -19.66 -11.80
C ILE A 486 1.11 -20.70 -10.72
N LYS A 487 0.55 -20.55 -9.50
CA LYS A 487 0.78 -21.50 -8.38
C LYS A 487 0.24 -22.92 -8.68
N ASP A 488 -0.95 -23.01 -9.29
CA ASP A 488 -1.64 -24.26 -9.56
C ASP A 488 -1.12 -25.02 -10.76
N GLU A 489 -0.81 -24.30 -11.86
CA GLU A 489 -0.39 -24.91 -13.12
C GLU A 489 1.13 -24.91 -13.39
N LEU A 490 2.00 -24.26 -12.55
CA LEU A 490 3.45 -24.28 -12.83
C LEU A 490 4.00 -25.73 -12.82
N LEU A 491 5.01 -25.99 -13.66
CA LEU A 491 5.63 -27.31 -13.79
C LEU A 491 6.96 -27.44 -13.03
N ARG A 492 7.55 -26.30 -12.63
CA ARG A 492 8.83 -26.22 -11.93
C ARG A 492 8.93 -24.82 -11.24
N HIS A 493 9.53 -24.77 -10.04
CA HIS A 493 9.72 -23.53 -9.29
C HIS A 493 11.02 -23.53 -8.51
N ASP A 494 11.95 -22.65 -8.89
CA ASP A 494 13.24 -22.52 -8.19
C ASP A 494 13.39 -21.11 -7.59
N SER A 495 13.92 -21.01 -6.37
CA SER A 495 14.13 -19.74 -5.68
C SER A 495 15.39 -19.07 -6.19
N GLY A 496 15.29 -17.77 -6.45
CA GLY A 496 16.40 -16.97 -6.94
C GLY A 496 16.96 -16.02 -5.90
N ASP A 497 17.71 -15.01 -6.36
CA ASP A 497 18.33 -14.01 -5.50
C ASP A 497 17.33 -12.97 -5.00
N GLN A 498 17.69 -12.24 -3.92
CA GLN A 498 16.92 -11.16 -3.32
C GLN A 498 16.67 -10.08 -4.37
N ASP A 499 15.45 -9.54 -4.40
CA ASP A 499 14.99 -8.56 -5.37
C ASP A 499 15.84 -7.29 -5.48
N ILE A 500 16.13 -6.60 -4.35
CA ILE A 500 16.92 -5.37 -4.33
C ILE A 500 18.39 -5.60 -4.80
N ASN A 501 18.98 -6.76 -4.49
CA ASN A 501 20.36 -7.13 -4.86
C ASN A 501 20.50 -7.35 -6.36
N VAL A 502 19.48 -7.99 -7.00
CA VAL A 502 19.42 -8.25 -8.45
C VAL A 502 19.42 -6.90 -9.20
N VAL A 503 18.56 -5.98 -8.75
CA VAL A 503 18.41 -4.66 -9.35
C VAL A 503 19.66 -3.79 -9.08
N SER A 504 20.28 -3.93 -7.88
CA SER A 504 21.46 -3.20 -7.46
C SER A 504 22.73 -3.55 -8.25
N THR A 505 22.97 -4.86 -8.48
CA THR A 505 24.12 -5.36 -9.24
C THR A 505 24.05 -4.87 -10.70
N TYR A 506 22.83 -4.84 -11.25
CA TYR A 506 22.56 -4.39 -12.61
C TYR A 506 22.87 -2.89 -12.76
N ILE A 507 22.33 -2.06 -11.87
CA ILE A 507 22.57 -0.61 -11.86
C ILE A 507 24.08 -0.30 -11.76
N SER A 508 24.81 -1.09 -10.95
CA SER A 508 26.26 -0.95 -10.78
C SER A 508 27.04 -1.31 -12.04
N LYS A 509 26.61 -2.37 -12.75
CA LYS A 509 27.22 -2.85 -14.00
C LYS A 509 27.03 -1.80 -15.11
N MET A 510 25.78 -1.32 -15.26
CA MET A 510 25.38 -0.37 -16.30
C MET A 510 25.98 1.02 -16.12
N LYS A 511 26.24 1.42 -14.85
CA LYS A 511 26.84 2.71 -14.45
C LYS A 511 25.83 3.86 -14.66
N VAL A 512 25.32 4.04 -15.90
CA VAL A 512 24.32 5.05 -16.30
C VAL A 512 23.18 4.31 -16.98
N ILE A 513 21.96 4.50 -16.46
CA ILE A 513 20.76 3.84 -17.00
C ILE A 513 19.77 4.86 -17.59
N TYR A 514 19.01 4.41 -18.58
CA TYR A 514 18.06 5.22 -19.34
C TYR A 514 16.93 4.32 -19.89
N PRO A 515 16.21 3.52 -19.04
CA PRO A 515 15.14 2.66 -19.58
C PRO A 515 14.02 3.49 -20.17
N ALA A 516 13.45 2.99 -21.27
CA ALA A 516 12.37 3.67 -21.99
C ALA A 516 11.12 2.81 -22.08
N VAL A 517 9.99 3.46 -22.43
CA VAL A 517 8.71 2.81 -22.75
C VAL A 517 8.89 2.50 -24.26
N GLU A 518 8.95 1.19 -24.60
CA GLU A 518 9.32 0.69 -25.92
C GLU A 518 8.29 -0.05 -26.78
N GLY A 519 7.07 -0.20 -26.29
CA GLY A 519 6.07 -0.96 -27.03
C GLY A 519 5.99 -2.40 -26.59
N ARG A 520 6.51 -2.71 -25.37
CA ARG A 520 6.45 -4.07 -24.79
C ARG A 520 4.98 -4.43 -24.51
N ILE A 521 4.20 -3.42 -24.10
CA ILE A 521 2.78 -3.54 -23.82
C ILE A 521 2.08 -2.52 -24.72
N LYS A 522 1.12 -2.99 -25.51
CA LYS A 522 0.32 -2.13 -26.37
C LYS A 522 -1.19 -2.33 -26.15
N PHE A 523 -1.99 -1.35 -26.59
CA PHE A 523 -3.45 -1.36 -26.52
C PHE A 523 -4.06 -1.16 -27.92
N SER A 524 -5.11 -1.95 -28.26
CA SER A 524 -5.81 -1.92 -29.54
C SER A 524 -7.22 -1.39 -29.36
ZN ZN B . -0.98 0.26 1.99
ZN ZN C . -3.20 -2.69 2.88
CA CA D . -24.97 7.19 16.57
O3' QCQ E . -0.29 -5.40 -6.75
C3' QCQ E . -0.61 -5.42 -5.36
C2' QCQ E . 0.21 -6.44 -4.60
F04 QCQ E . -0.47 -6.79 -3.42
C4' QCQ E . -0.26 -4.11 -4.65
C5' QCQ E . -1.32 -3.60 -3.71
O5' QCQ E . -0.85 -2.40 -3.09
PA QCQ E . -1.88 -1.36 -2.52
C3A QCQ E . -2.56 -2.12 -1.03
PB QCQ E . -1.31 -2.58 0.16
O1B QCQ E . -0.40 -3.59 -0.48
O2B QCQ E . -1.99 -3.13 1.44
O3B QCQ E . -0.60 -1.27 0.54
O1A QCQ E . -0.99 -0.15 -2.09
O2A QCQ E . -2.95 -0.86 -3.48
O4' QCQ E . 0.96 -4.35 -3.91
C1' QCQ E . 1.44 -5.65 -4.21
N9 QCQ E . 2.16 -6.18 -3.05
C8 QCQ E . 1.91 -5.94 -1.73
N7 QCQ E . 2.73 -6.56 -0.92
C5 QCQ E . 3.58 -7.25 -1.77
C4 QCQ E . 3.26 -7.01 -3.09
N3 QCQ E . 3.92 -7.43 -4.17
C2 QCQ E . 4.99 -8.13 -3.82
CL1 QCQ E . 6.04 -8.59 -5.14
N1 QCQ E . 5.42 -8.50 -2.62
C6 QCQ E . 4.73 -8.06 -1.55
N6 QCQ E . 5.18 -8.38 -0.31
C29 QCQ E . 4.35 -8.39 0.88
C30 QCQ E . 4.60 -9.56 1.81
C31 QCQ E . 3.88 -10.74 1.68
C32 QCQ E . 4.09 -11.80 2.55
C33 QCQ E . 5.01 -11.67 3.59
C34 QCQ E . 5.72 -10.50 3.73
C35 QCQ E . 5.52 -9.45 2.85
#